data_5DVW
#
_entry.id   5DVW
#
_cell.length_a   34.090
_cell.length_b   58.380
_cell.length_c   66.600
_cell.angle_alpha   96.330
_cell.angle_beta   90.110
_cell.angle_gamma   106.980
#
_symmetry.space_group_name_H-M   'P 1'
#
loop_
_entity.id
_entity.type
_entity.pdbx_description
1 polymer 'Minor nucleoprotein VP30'
2 non-polymer 1,2-ETHANEDIOL
3 water water
#
_entity_poly.entity_id   1
_entity_poly.type   'polypeptide(L)'
_entity_poly.pdbx_seq_one_letter_code
;QGAITLLTLIKTAEHWARQDIRTIEDSKLRALLTLCAVMTRKFSKSQLSLLCETHLRREGLGQDQAEPVLEVYQRLHSDK
GGSFEAALWQQWDRQSLIMFITAFLNIALQLPCESSAVVVSGLRTLVPQSDNEE
;
_entity_poly.pdbx_strand_id   A,B,C,D
#
# COMPACT_ATOMS: atom_id res chain seq x y z
N GLY A 2 -34.51 -9.61 1.70
CA GLY A 2 -33.49 -9.35 2.70
C GLY A 2 -32.58 -8.19 2.37
N ALA A 3 -31.87 -7.67 3.36
CA ALA A 3 -31.03 -6.50 3.14
C ALA A 3 -29.85 -6.84 2.24
N ILE A 4 -29.52 -5.93 1.32
CA ILE A 4 -28.27 -6.00 0.54
C ILE A 4 -27.10 -5.57 1.42
N THR A 5 -26.60 -6.51 2.22
CA THR A 5 -25.47 -6.27 3.10
C THR A 5 -24.17 -6.37 2.32
N LEU A 6 -23.05 -6.06 2.98
N LEU A 6 -23.07 -6.03 3.00
CA LEU A 6 -21.76 -6.24 2.29
CA LEU A 6 -21.76 -6.25 2.42
C LEU A 6 -21.53 -7.72 1.97
C LEU A 6 -21.58 -7.69 1.97
N LEU A 7 -21.93 -8.62 2.86
CA LEU A 7 -21.80 -10.03 2.54
C LEU A 7 -22.67 -10.42 1.36
N THR A 8 -23.89 -9.87 1.28
CA THR A 8 -24.73 -10.17 0.12
C THR A 8 -24.11 -9.69 -1.18
N LEU A 9 -23.51 -8.50 -1.17
CA LEU A 9 -22.78 -8.04 -2.35
C LEU A 9 -21.68 -9.01 -2.74
N ILE A 10 -20.88 -9.45 -1.78
CA ILE A 10 -19.80 -10.39 -2.08
CA ILE A 10 -19.80 -10.40 -2.07
C ILE A 10 -20.37 -11.67 -2.69
N LYS A 11 -21.42 -12.22 -2.09
CA LYS A 11 -21.99 -13.46 -2.63
C LYS A 11 -22.55 -13.25 -4.02
N THR A 12 -23.06 -12.05 -4.29
CA THR A 12 -23.59 -11.75 -5.61
C THR A 12 -22.46 -11.68 -6.64
N ALA A 13 -21.37 -10.97 -6.28
CA ALA A 13 -20.21 -10.90 -7.15
C ALA A 13 -19.62 -12.27 -7.42
N GLU A 14 -19.56 -13.12 -6.39
CA GLU A 14 -18.94 -14.43 -6.58
C GLU A 14 -19.78 -15.29 -7.52
N HIS A 15 -21.11 -15.21 -7.39
CA HIS A 15 -21.98 -15.97 -8.28
C HIS A 15 -21.80 -15.54 -9.74
N TRP A 16 -21.86 -14.23 -9.98
CA TRP A 16 -21.78 -13.73 -11.35
C TRP A 16 -20.37 -13.77 -11.93
N ALA A 17 -19.34 -13.84 -11.10
CA ALA A 17 -18.00 -14.01 -11.66
C ALA A 17 -17.88 -15.32 -12.41
N ARG A 18 -18.68 -16.33 -12.02
CA ARG A 18 -18.58 -17.67 -12.59
C ARG A 18 -19.61 -17.91 -13.69
N GLN A 19 -20.40 -16.91 -14.04
CA GLN A 19 -21.37 -17.09 -15.11
C GLN A 19 -20.79 -16.59 -16.42
N ASP A 20 -21.19 -17.25 -17.51
CA ASP A 20 -21.00 -16.70 -18.85
C ASP A 20 -22.13 -15.73 -19.13
N ILE A 21 -21.85 -14.43 -19.16
CA ILE A 21 -22.91 -13.43 -19.28
C ILE A 21 -23.05 -12.91 -20.71
N ARG A 22 -22.52 -13.62 -21.68
CA ARG A 22 -22.46 -13.08 -23.03
C ARG A 22 -23.84 -12.79 -23.63
N THR A 23 -24.87 -13.58 -23.29
CA THR A 23 -26.18 -13.32 -23.88
C THR A 23 -27.20 -12.88 -22.85
N ILE A 24 -26.76 -12.38 -21.71
CA ILE A 24 -27.70 -12.02 -20.70
C ILE A 24 -28.55 -10.84 -21.15
N GLU A 25 -29.81 -10.80 -20.69
CA GLU A 25 -30.70 -9.71 -21.07
C GLU A 25 -30.14 -8.36 -20.64
N ASP A 26 -30.51 -7.31 -21.40
CA ASP A 26 -30.03 -5.95 -21.12
C ASP A 26 -30.31 -5.54 -19.68
N SER A 27 -31.47 -5.91 -19.12
CA SER A 27 -31.76 -5.47 -17.75
C SER A 27 -30.75 -6.03 -16.77
N LYS A 28 -30.34 -7.29 -16.95
CA LYS A 28 -29.35 -7.87 -16.03
C LYS A 28 -27.96 -7.30 -16.28
N LEU A 29 -27.59 -7.06 -17.55
CA LEU A 29 -26.28 -6.47 -17.82
C LEU A 29 -26.18 -5.06 -17.24
N ARG A 30 -27.27 -4.30 -17.33
CA ARG A 30 -27.25 -2.96 -16.72
C ARG A 30 -27.08 -3.06 -15.21
N ALA A 31 -27.73 -4.04 -14.60
CA ALA A 31 -27.61 -4.24 -13.15
C ALA A 31 -26.19 -4.69 -12.78
N LEU A 32 -25.56 -5.51 -13.64
CA LEU A 32 -24.18 -5.90 -13.37
C LEU A 32 -23.24 -4.71 -13.47
N LEU A 33 -23.52 -3.76 -14.35
CA LEU A 33 -22.71 -2.55 -14.37
C LEU A 33 -22.83 -1.81 -13.03
N THR A 34 -24.04 -1.71 -12.51
CA THR A 34 -24.21 -1.11 -11.17
C THR A 34 -23.43 -1.89 -10.12
N LEU A 35 -23.49 -3.22 -10.17
CA LEU A 35 -22.73 -4.02 -9.21
C LEU A 35 -21.23 -3.70 -9.29
N CYS A 36 -20.70 -3.57 -10.52
CA CYS A 36 -19.27 -3.25 -10.62
CA CYS A 36 -19.29 -3.23 -10.67
C CYS A 36 -18.98 -1.85 -10.09
N ALA A 37 -19.88 -0.90 -10.32
CA ALA A 37 -19.67 0.45 -9.78
C ALA A 37 -19.64 0.44 -8.26
N VAL A 38 -20.65 -0.19 -7.67
CA VAL A 38 -20.76 -0.27 -6.23
C VAL A 38 -19.53 -0.96 -5.63
N MET A 39 -19.10 -2.07 -6.23
CA MET A 39 -17.97 -2.84 -5.70
CA MET A 39 -17.98 -2.81 -5.66
C MET A 39 -16.66 -2.08 -5.85
N THR A 40 -16.50 -1.31 -6.93
CA THR A 40 -15.30 -0.50 -7.08
C THR A 40 -15.17 0.45 -5.92
N ARG A 41 -16.32 0.96 -5.43
CA ARG A 41 -16.28 1.87 -4.29
C ARG A 41 -16.09 1.17 -2.96
N LYS A 42 -15.99 -0.15 -2.94
CA LYS A 42 -15.58 -0.85 -1.72
C LYS A 42 -14.08 -1.04 -1.64
N PHE A 43 -13.33 -0.56 -2.62
CA PHE A 43 -11.89 -0.44 -2.54
C PHE A 43 -11.48 0.96 -2.12
N SER A 44 -10.43 1.05 -1.31
CA SER A 44 -9.91 2.39 -1.08
C SER A 44 -9.31 2.95 -2.36
N LYS A 45 -9.33 4.28 -2.50
CA LYS A 45 -8.80 4.89 -3.72
C LYS A 45 -7.37 4.45 -4.01
N SER A 46 -6.56 4.15 -2.98
CA SER A 46 -5.18 3.83 -3.29
C SER A 46 -4.98 2.42 -3.84
N GLN A 47 -6.03 1.61 -3.87
CA GLN A 47 -5.94 0.29 -4.49
C GLN A 47 -6.32 0.30 -5.96
N LEU A 48 -6.75 1.44 -6.51
CA LEU A 48 -7.31 1.41 -7.87
C LEU A 48 -6.23 1.11 -8.90
N SER A 49 -5.00 1.54 -8.63
CA SER A 49 -3.93 1.27 -9.59
C SER A 49 -3.64 -0.22 -9.66
N LEU A 50 -3.72 -0.92 -8.52
CA LEU A 50 -3.53 -2.36 -8.52
C LEU A 50 -4.70 -3.07 -9.18
N LEU A 51 -5.93 -2.57 -8.97
CA LEU A 51 -7.08 -3.11 -9.70
C LEU A 51 -6.85 -3.04 -11.20
N CYS A 52 -6.42 -1.86 -11.70
CA CYS A 52 -6.16 -1.69 -13.12
C CYS A 52 -5.06 -2.63 -13.61
N GLU A 53 -3.95 -2.72 -12.87
CA GLU A 53 -2.85 -3.57 -13.34
C GLU A 53 -3.24 -5.04 -13.36
N THR A 54 -4.00 -5.48 -12.36
CA THR A 54 -4.47 -6.85 -12.33
C THR A 54 -5.43 -7.11 -13.48
N HIS A 55 -6.31 -6.16 -13.75
CA HIS A 55 -7.23 -6.26 -14.88
C HIS A 55 -6.47 -6.42 -16.20
N LEU A 56 -5.45 -5.58 -16.42
CA LEU A 56 -4.66 -5.66 -17.66
C LEU A 56 -4.02 -7.03 -17.82
N ARG A 57 -3.45 -7.55 -16.73
CA ARG A 57 -2.71 -8.80 -16.80
C ARG A 57 -3.64 -9.98 -17.08
N ARG A 58 -4.84 -9.96 -16.51
CA ARG A 58 -5.78 -11.05 -16.71
C ARG A 58 -6.29 -11.10 -18.15
N GLU A 59 -6.51 -9.92 -18.74
CA GLU A 59 -7.09 -9.78 -20.06
C GLU A 59 -6.06 -9.75 -21.17
N GLY A 60 -4.77 -9.88 -20.83
CA GLY A 60 -3.73 -9.81 -21.84
C GLY A 60 -3.66 -8.49 -22.55
N LEU A 61 -3.91 -7.41 -21.83
CA LEU A 61 -3.77 -6.07 -22.40
C LEU A 61 -2.37 -5.54 -22.15
N GLY A 62 -1.88 -4.75 -23.10
CA GLY A 62 -0.60 -4.08 -22.96
C GLY A 62 -0.75 -2.75 -22.24
N GLN A 63 0.40 -2.11 -21.99
CA GLN A 63 0.39 -0.83 -21.28
C GLN A 63 -0.36 0.25 -22.05
N ASP A 64 -0.64 0.04 -23.33
CA ASP A 64 -1.52 0.95 -24.06
C ASP A 64 -2.83 1.16 -23.32
N GLN A 65 -3.42 0.09 -22.80
CA GLN A 65 -4.73 0.15 -22.19
C GLN A 65 -4.68 0.50 -20.71
N ALA A 66 -3.51 0.90 -20.20
CA ALA A 66 -3.44 1.27 -18.79
C ALA A 66 -4.29 2.50 -18.50
N GLU A 67 -3.99 3.61 -19.17
CA GLU A 67 -4.73 4.84 -18.88
C GLU A 67 -6.24 4.69 -19.08
N PRO A 68 -6.75 4.09 -20.16
CA PRO A 68 -8.21 3.91 -20.28
C PRO A 68 -8.83 3.08 -19.15
N VAL A 69 -8.24 1.92 -18.83
CA VAL A 69 -8.81 1.06 -17.80
C VAL A 69 -8.79 1.77 -16.46
N LEU A 70 -7.70 2.49 -16.18
CA LEU A 70 -7.57 3.17 -14.91
C LEU A 70 -8.59 4.30 -14.79
N GLU A 71 -8.81 5.07 -15.86
CA GLU A 71 -9.80 6.13 -15.82
C GLU A 71 -11.19 5.57 -15.54
N VAL A 72 -11.52 4.41 -16.10
CA VAL A 72 -12.80 3.79 -15.82
C VAL A 72 -12.93 3.49 -14.34
N TYR A 73 -11.91 2.85 -13.76
CA TYR A 73 -12.01 2.54 -12.34
C TYR A 73 -12.04 3.82 -11.49
N GLN A 74 -11.22 4.82 -11.86
CA GLN A 74 -11.20 6.07 -11.11
C GLN A 74 -12.55 6.79 -11.18
N ARG A 75 -13.15 6.83 -12.37
CA ARG A 75 -14.41 7.54 -12.51
C ARG A 75 -15.60 6.76 -11.93
N LEU A 76 -15.54 5.42 -11.89
CA LEU A 76 -16.53 4.69 -11.09
C LEU A 76 -16.36 4.98 -9.61
N HIS A 77 -15.12 5.03 -9.14
CA HIS A 77 -14.87 5.21 -7.71
C HIS A 77 -15.39 6.56 -7.23
N SER A 78 -15.26 7.59 -8.06
CA SER A 78 -15.64 8.95 -7.68
C SER A 78 -17.01 9.35 -8.21
N ASP A 79 -17.76 8.41 -8.79
CA ASP A 79 -19.05 8.74 -9.37
C ASP A 79 -20.06 9.17 -8.31
N LYS A 80 -20.95 10.09 -8.68
CA LYS A 80 -22.05 10.58 -7.85
C LYS A 80 -23.30 10.58 -8.69
N GLY A 81 -24.42 10.11 -8.11
CA GLY A 81 -25.69 10.14 -8.82
C GLY A 81 -25.77 9.23 -10.03
N GLY A 82 -24.84 8.28 -10.15
CA GLY A 82 -24.82 7.39 -11.28
C GLY A 82 -24.42 8.02 -12.59
N SER A 83 -23.83 9.22 -12.56
CA SER A 83 -23.59 9.98 -13.79
C SER A 83 -22.64 9.25 -14.74
N PHE A 84 -21.43 8.91 -14.28
CA PHE A 84 -20.47 8.21 -15.13
C PHE A 84 -20.97 6.80 -15.47
N GLU A 85 -21.56 6.10 -14.52
CA GLU A 85 -22.12 4.78 -14.77
C GLU A 85 -23.13 4.81 -15.93
N ALA A 86 -24.02 5.78 -15.92
CA ALA A 86 -25.02 5.83 -17.00
C ALA A 86 -24.36 6.20 -18.32
N ALA A 87 -23.27 6.96 -18.27
CA ALA A 87 -22.56 7.32 -19.50
C ALA A 87 -21.82 6.11 -20.08
N LEU A 88 -21.23 5.29 -19.22
CA LEU A 88 -20.60 4.07 -19.72
C LEU A 88 -21.63 3.15 -20.39
N TRP A 89 -22.81 3.02 -19.79
CA TRP A 89 -23.85 2.20 -20.41
C TRP A 89 -24.20 2.71 -21.80
N GLN A 90 -24.38 4.02 -21.91
CA GLN A 90 -24.76 4.60 -23.19
C GLN A 90 -23.63 4.55 -24.21
N GLN A 91 -22.37 4.68 -23.77
CA GLN A 91 -21.31 4.96 -24.74
C GLN A 91 -20.42 3.77 -25.08
N TRP A 92 -20.52 2.67 -24.34
CA TRP A 92 -19.75 1.46 -24.62
C TRP A 92 -20.61 0.45 -25.36
N ASP A 93 -19.97 -0.35 -26.20
CA ASP A 93 -20.66 -1.47 -26.83
C ASP A 93 -20.85 -2.60 -25.85
N ARG A 94 -21.81 -3.48 -26.16
CA ARG A 94 -22.07 -4.62 -25.29
C ARG A 94 -20.82 -5.46 -25.03
N GLN A 95 -20.05 -5.78 -26.10
CA GLN A 95 -18.91 -6.67 -25.91
C GLN A 95 -17.90 -6.09 -24.92
N SER A 96 -17.58 -4.79 -25.04
CA SER A 96 -16.62 -4.18 -24.12
C SER A 96 -17.13 -4.22 -22.69
N LEU A 97 -18.41 -3.90 -22.50
CA LEU A 97 -18.99 -3.92 -21.15
CA LEU A 97 -18.97 -3.91 -21.15
C LEU A 97 -18.94 -5.32 -20.56
N ILE A 98 -19.31 -6.32 -21.36
CA ILE A 98 -19.33 -7.69 -20.87
C ILE A 98 -17.92 -8.11 -20.47
N MET A 99 -16.93 -7.81 -21.31
CA MET A 99 -15.57 -8.23 -21.00
CA MET A 99 -15.57 -8.23 -21.00
C MET A 99 -15.06 -7.55 -19.75
N PHE A 100 -15.34 -6.24 -19.60
CA PHE A 100 -14.87 -5.48 -18.44
C PHE A 100 -15.54 -5.97 -17.16
N ILE A 101 -16.84 -6.22 -17.21
CA ILE A 101 -17.57 -6.72 -16.04
C ILE A 101 -17.04 -8.08 -15.61
N THR A 102 -16.85 -9.00 -16.58
CA THR A 102 -16.37 -10.33 -16.21
CA THR A 102 -16.37 -10.33 -16.20
C THR A 102 -14.96 -10.26 -15.64
N ALA A 103 -14.09 -9.45 -16.25
CA ALA A 103 -12.75 -9.29 -15.69
C ALA A 103 -12.80 -8.77 -14.26
N PHE A 104 -13.55 -7.68 -14.03
CA PHE A 104 -13.59 -7.09 -12.69
C PHE A 104 -14.11 -8.06 -11.63
N LEU A 105 -15.26 -8.71 -11.91
CA LEU A 105 -15.83 -9.59 -10.90
C LEU A 105 -14.90 -10.76 -10.59
N ASN A 106 -14.06 -11.17 -11.55
CA ASN A 106 -13.16 -12.28 -11.30
C ASN A 106 -11.86 -11.88 -10.65
N ILE A 107 -11.55 -10.59 -10.56
CA ILE A 107 -10.40 -10.15 -9.77
C ILE A 107 -10.80 -9.47 -8.47
N ALA A 108 -12.02 -8.93 -8.39
CA ALA A 108 -12.38 -8.08 -7.25
C ALA A 108 -12.35 -8.83 -5.93
N LEU A 109 -12.67 -10.13 -5.92
CA LEU A 109 -12.73 -10.83 -4.64
C LEU A 109 -11.38 -11.38 -4.18
N GLN A 110 -10.36 -11.34 -5.03
CA GLN A 110 -9.02 -11.79 -4.64
C GLN A 110 -8.07 -10.65 -4.25
N LEU A 111 -8.40 -9.39 -4.57
CA LEU A 111 -7.41 -8.34 -4.36
C LEU A 111 -7.61 -7.67 -3.02
N PRO A 112 -6.54 -7.18 -2.39
CA PRO A 112 -6.70 -6.45 -1.12
C PRO A 112 -7.52 -5.20 -1.35
N CYS A 113 -8.45 -4.93 -0.45
CA CYS A 113 -9.36 -3.82 -0.66
C CYS A 113 -8.92 -2.55 0.07
N GLU A 114 -7.86 -2.62 0.88
CA GLU A 114 -7.29 -1.47 1.57
C GLU A 114 -5.80 -1.40 1.31
N SER A 115 -5.21 -0.22 1.51
CA SER A 115 -3.80 -0.06 1.17
C SER A 115 -2.90 -0.23 2.40
N SER A 116 -1.61 -0.03 2.18
CA SER A 116 -0.60 -0.46 3.15
CA SER A 116 -0.63 -0.49 3.16
C SER A 116 -0.71 0.28 4.48
N ALA A 117 -1.00 1.59 4.44
CA ALA A 117 -1.06 2.34 5.69
C ALA A 117 -2.05 1.73 6.66
N VAL A 118 -3.17 1.24 6.15
CA VAL A 118 -4.17 0.57 6.99
C VAL A 118 -3.72 -0.84 7.35
N VAL A 119 -3.20 -1.59 6.39
CA VAL A 119 -3.04 -3.02 6.59
C VAL A 119 -1.87 -3.32 7.52
N VAL A 120 -0.73 -2.61 7.35
CA VAL A 120 0.47 -3.01 8.09
C VAL A 120 0.54 -2.40 9.50
N SER A 121 -0.40 -1.55 9.89
CA SER A 121 -0.25 -0.87 11.18
C SER A 121 -1.03 -1.56 12.31
N GLY A 122 -1.56 -2.77 12.08
CA GLY A 122 -2.17 -3.55 13.14
C GLY A 122 -3.39 -4.38 12.75
N LEU A 123 -4.06 -3.96 11.67
CA LEU A 123 -5.27 -4.66 11.23
C LEU A 123 -5.02 -6.14 10.98
N ARG A 124 -3.83 -6.49 10.48
CA ARG A 124 -3.55 -7.90 10.26
C ARG A 124 -3.54 -8.69 11.56
N THR A 125 -3.26 -8.06 12.72
CA THR A 125 -3.30 -8.82 13.96
C THR A 125 -4.71 -9.21 14.34
N LEU A 126 -5.73 -8.64 13.65
CA LEU A 126 -7.12 -8.93 13.94
C LEU A 126 -7.67 -10.09 13.12
N VAL A 127 -7.01 -10.47 12.04
CA VAL A 127 -7.63 -11.40 11.10
C VAL A 127 -7.70 -12.78 11.73
N PRO A 128 -8.86 -13.43 11.76
CA PRO A 128 -9.00 -14.68 12.49
C PRO A 128 -8.51 -15.86 11.66
N GLN A 129 -8.40 -16.99 12.36
CA GLN A 129 -7.94 -18.24 11.74
C GLN A 129 -8.91 -18.71 10.66
N SER A 130 -8.34 -19.28 9.61
CA SER A 130 -9.10 -19.85 8.52
C SER A 130 -8.79 -21.34 8.44
N ASP A 131 -9.40 -22.03 7.49
CA ASP A 131 -9.06 -23.42 7.27
C ASP A 131 -7.61 -23.52 6.82
N ASN A 132 -6.87 -24.44 7.47
CA ASN A 132 -5.66 -25.10 6.95
C ASN A 132 -4.21 -24.61 7.18
N GLU A 133 -3.84 -23.72 8.11
CA GLU A 133 -4.59 -22.83 9.03
C GLU A 133 -5.63 -23.46 9.96
N GLY B 2 -4.06 -14.51 3.22
CA GLY B 2 -3.11 -13.58 2.63
C GLY B 2 -3.65 -12.17 2.50
N ALA B 3 -4.14 -11.84 1.30
CA ALA B 3 -4.64 -10.50 1.04
C ALA B 3 -5.79 -10.16 1.99
N ILE B 4 -5.83 -8.91 2.45
CA ILE B 4 -7.01 -8.39 3.16
C ILE B 4 -8.08 -8.03 2.15
N THR B 5 -8.85 -9.03 1.74
CA THR B 5 -9.90 -8.81 0.75
C THR B 5 -11.16 -8.30 1.44
N LEU B 6 -12.18 -7.99 0.63
CA LEU B 6 -13.46 -7.59 1.22
C LEU B 6 -14.02 -8.70 2.10
N LEU B 7 -13.91 -9.95 1.65
CA LEU B 7 -14.41 -11.06 2.46
C LEU B 7 -13.62 -11.20 3.76
N THR B 8 -12.31 -10.99 3.70
CA THR B 8 -11.51 -11.09 4.92
C THR B 8 -11.93 -10.03 5.92
N LEU B 9 -12.19 -8.81 5.45
CA LEU B 9 -12.72 -7.78 6.32
C LEU B 9 -14.03 -8.21 6.98
N ILE B 10 -14.96 -8.75 6.18
CA ILE B 10 -16.22 -9.25 6.75
C ILE B 10 -15.96 -10.30 7.83
N LYS B 11 -15.12 -11.30 7.52
CA LYS B 11 -14.85 -12.35 8.50
C LYS B 11 -14.21 -11.81 9.77
N THR B 12 -13.38 -10.78 9.62
CA THR B 12 -12.73 -10.18 10.80
C THR B 12 -13.74 -9.45 11.65
N ALA B 13 -14.63 -8.66 11.01
CA ALA B 13 -15.68 -7.98 11.75
C ALA B 13 -16.59 -8.97 12.44
N GLU B 14 -16.95 -10.05 11.76
CA GLU B 14 -17.87 -11.02 12.35
C GLU B 14 -17.24 -11.67 13.58
N HIS B 15 -15.95 -11.97 13.50
CA HIS B 15 -15.25 -12.55 14.65
C HIS B 15 -15.25 -11.61 15.85
N TRP B 16 -14.81 -10.37 15.64
CA TRP B 16 -14.69 -9.42 16.73
C TRP B 16 -16.03 -8.90 17.25
N ALA B 17 -17.07 -8.91 16.43
CA ALA B 17 -18.40 -8.55 16.95
C ALA B 17 -18.80 -9.45 18.10
N ARG B 18 -18.36 -10.71 18.10
CA ARG B 18 -18.74 -11.68 19.11
C ARG B 18 -17.79 -11.73 20.30
N GLN B 19 -16.73 -10.94 20.30
CA GLN B 19 -15.81 -11.01 21.42
C GLN B 19 -16.18 -9.94 22.44
N ASP B 20 -15.88 -10.23 23.71
CA ASP B 20 -15.88 -9.22 24.76
C ASP B 20 -14.51 -8.55 24.74
N ILE B 21 -14.46 -7.30 24.30
CA ILE B 21 -13.20 -6.60 24.09
C ILE B 21 -12.84 -5.68 25.25
N ARG B 22 -13.51 -5.81 26.39
CA ARG B 22 -13.34 -4.83 27.44
C ARG B 22 -11.89 -4.74 27.94
N THR B 23 -11.13 -5.84 27.96
CA THR B 23 -9.76 -5.71 28.48
C THR B 23 -8.70 -5.96 27.42
N ILE B 24 -9.06 -5.86 26.16
CA ILE B 24 -8.10 -6.11 25.10
C ILE B 24 -6.96 -5.10 25.18
N GLU B 25 -5.75 -5.53 24.79
CA GLU B 25 -4.60 -4.63 24.81
C GLU B 25 -4.82 -3.43 23.88
N ASP B 26 -4.19 -2.31 24.25
CA ASP B 26 -4.34 -1.07 23.48
C ASP B 26 -4.04 -1.28 21.99
N SER B 27 -3.04 -2.11 21.67
CA SER B 27 -2.67 -2.27 20.26
C SER B 27 -3.82 -2.91 19.47
N LYS B 28 -4.56 -3.83 20.08
CA LYS B 28 -5.69 -4.42 19.38
C LYS B 28 -6.88 -3.47 19.33
N LEU B 29 -7.11 -2.69 20.42
CA LEU B 29 -8.23 -1.76 20.40
C LEU B 29 -8.00 -0.68 19.36
N ARG B 30 -6.75 -0.23 19.22
CA ARG B 30 -6.43 0.75 18.18
C ARG B 30 -6.70 0.18 16.80
N ALA B 31 -6.41 -1.10 16.60
CA ALA B 31 -6.63 -1.73 15.30
C ALA B 31 -8.11 -1.95 15.04
N LEU B 32 -8.89 -2.25 16.09
CA LEU B 32 -10.33 -2.32 15.93
C LEU B 32 -10.92 -0.97 15.56
N LEU B 33 -10.34 0.12 16.07
CA LEU B 33 -10.82 1.42 15.61
C LEU B 33 -10.57 1.60 14.12
N THR B 34 -9.39 1.18 13.65
CA THR B 34 -9.14 1.21 12.19
C THR B 34 -10.16 0.37 11.45
N LEU B 35 -10.42 -0.85 11.95
CA LEU B 35 -11.43 -1.69 11.31
C LEU B 35 -12.78 -0.98 11.20
N CYS B 36 -13.23 -0.33 12.29
CA CYS B 36 -14.50 0.38 12.23
CA CYS B 36 -14.48 0.41 12.26
C CYS B 36 -14.44 1.50 11.20
N ALA B 37 -13.33 2.22 11.12
CA ALA B 37 -13.26 3.33 10.16
C ALA B 37 -13.32 2.79 8.74
N VAL B 38 -12.54 1.74 8.47
CA VAL B 38 -12.51 1.14 7.13
C VAL B 38 -13.88 0.62 6.75
N MET B 39 -14.53 -0.07 7.68
CA MET B 39 -15.84 -0.65 7.42
CA MET B 39 -15.83 -0.64 7.37
C MET B 39 -16.91 0.42 7.23
N THR B 40 -16.84 1.52 7.99
CA THR B 40 -17.78 2.61 7.75
C THR B 40 -17.72 3.06 6.30
N ARG B 41 -16.51 3.07 5.72
CA ARG B 41 -16.33 3.48 4.32
C ARG B 41 -16.77 2.43 3.33
N LYS B 42 -17.22 1.26 3.78
CA LYS B 42 -17.87 0.33 2.88
C LYS B 42 -19.39 0.53 2.80
N PHE B 43 -19.93 1.51 3.52
CA PHE B 43 -21.32 1.93 3.34
C PHE B 43 -21.35 3.14 2.41
N SER B 44 -22.39 3.23 1.58
CA SER B 44 -22.55 4.48 0.86
C SER B 44 -22.95 5.60 1.82
N LYS B 45 -22.58 6.84 1.46
CA LYS B 45 -22.85 7.96 2.35
C LYS B 45 -24.34 8.06 2.70
N SER B 46 -25.23 7.62 1.80
CA SER B 46 -26.66 7.75 2.10
C SER B 46 -27.14 6.76 3.14
N GLN B 47 -26.33 5.77 3.52
CA GLN B 47 -26.72 4.84 4.56
C GLN B 47 -26.28 5.27 5.97
N LEU B 48 -25.56 6.39 6.10
CA LEU B 48 -24.99 6.74 7.41
C LEU B 48 -26.07 7.12 8.42
N SER B 49 -27.15 7.76 7.95
CA SER B 49 -28.24 8.09 8.87
C SER B 49 -28.86 6.82 9.45
N LEU B 50 -28.98 5.76 8.64
CA LEU B 50 -29.54 4.51 9.15
C LEU B 50 -28.56 3.80 10.07
N LEU B 51 -27.27 3.87 9.76
CA LEU B 51 -26.27 3.33 10.69
C LEU B 51 -26.38 4.01 12.05
N CYS B 52 -26.51 5.34 12.05
CA CYS B 52 -26.62 6.08 13.31
C CYS B 52 -27.89 5.70 14.06
N GLU B 53 -29.04 5.64 13.37
CA GLU B 53 -30.28 5.36 14.09
C GLU B 53 -30.28 3.93 14.63
N THR B 54 -29.69 2.99 13.88
CA THR B 54 -29.60 1.62 14.37
C THR B 54 -28.68 1.53 15.58
N HIS B 55 -27.55 2.26 15.53
CA HIS B 55 -26.66 2.36 16.69
C HIS B 55 -27.41 2.88 17.92
N LEU B 56 -28.18 3.96 17.75
CA LEU B 56 -28.89 4.54 18.91
C LEU B 56 -29.85 3.53 19.51
N ARG B 57 -30.60 2.81 18.65
CA ARG B 57 -31.59 1.87 19.16
C ARG B 57 -30.93 0.72 19.91
N ARG B 58 -29.84 0.17 19.36
CA ARG B 58 -29.19 -0.97 20.00
C ARG B 58 -28.66 -0.60 21.38
N GLU B 59 -28.11 0.62 21.51
CA GLU B 59 -27.48 1.08 22.74
C GLU B 59 -28.48 1.69 23.72
N GLY B 60 -29.72 1.89 23.32
CA GLY B 60 -30.65 2.53 24.21
C GLY B 60 -30.37 4.00 24.41
N LEU B 61 -29.75 4.64 23.44
CA LEU B 61 -29.53 6.07 23.52
C LEU B 61 -30.77 6.80 23.01
N GLY B 62 -31.03 7.96 23.60
CA GLY B 62 -32.11 8.81 23.16
C GLY B 62 -31.72 9.68 21.99
N GLN B 63 -32.68 10.48 21.52
CA GLN B 63 -32.44 11.36 20.38
C GLN B 63 -31.42 12.44 20.68
N ASP B 64 -31.06 12.63 21.96
CA ASP B 64 -29.99 13.57 22.29
C ASP B 64 -28.70 13.21 21.56
N GLN B 65 -28.30 11.93 21.62
CA GLN B 65 -27.04 11.48 21.06
C GLN B 65 -27.09 11.25 19.55
N ALA B 66 -28.17 11.63 18.87
CA ALA B 66 -28.20 11.47 17.42
C ALA B 66 -27.07 12.26 16.75
N GLU B 67 -27.02 13.57 17.01
CA GLU B 67 -26.00 14.40 16.35
C GLU B 67 -24.57 13.94 16.61
N PRO B 68 -24.17 13.63 17.86
CA PRO B 68 -22.79 13.17 18.05
C PRO B 68 -22.49 11.83 17.38
N VAL B 69 -23.41 10.86 17.45
CA VAL B 69 -23.17 9.57 16.81
C VAL B 69 -23.08 9.74 15.30
N LEU B 70 -23.95 10.58 14.73
CA LEU B 70 -23.94 10.80 13.28
C LEU B 70 -22.66 11.50 12.85
N GLU B 71 -22.20 12.48 13.64
CA GLU B 71 -20.95 13.14 13.27
C GLU B 71 -19.79 12.15 13.26
N VAL B 72 -19.77 11.22 14.20
CA VAL B 72 -18.70 10.23 14.22
C VAL B 72 -18.71 9.39 12.94
N TYR B 73 -19.89 8.85 12.60
CA TYR B 73 -19.98 8.07 11.37
C TYR B 73 -19.66 8.93 10.14
N GLN B 74 -20.18 10.16 10.08
CA GLN B 74 -19.89 11.02 8.94
C GLN B 74 -18.40 11.35 8.84
N ARG B 75 -17.75 11.57 9.98
CA ARG B 75 -16.36 11.99 9.90
C ARG B 75 -15.41 10.81 9.71
N LEU B 76 -15.80 9.60 10.13
CA LEU B 76 -15.06 8.41 9.69
C LEU B 76 -15.20 8.20 8.19
N HIS B 77 -16.42 8.37 7.68
CA HIS B 77 -16.68 8.11 6.26
C HIS B 77 -15.87 9.02 5.36
N SER B 78 -15.71 10.28 5.76
CA SER B 78 -15.00 11.27 4.96
C SER B 78 -13.53 11.42 5.37
N ASP B 79 -13.03 10.57 6.26
CA ASP B 79 -11.68 10.74 6.77
C ASP B 79 -10.64 10.53 5.66
N LYS B 80 -9.55 11.28 5.75
CA LYS B 80 -8.40 11.09 4.88
C LYS B 80 -7.14 11.03 5.74
N GLY B 81 -6.23 10.16 5.36
CA GLY B 81 -4.95 10.13 6.06
C GLY B 81 -5.05 9.76 7.51
N GLY B 82 -6.17 9.16 7.91
CA GLY B 82 -6.36 8.74 9.29
C GLY B 82 -6.55 9.85 10.28
N SER B 83 -6.83 11.07 9.81
CA SER B 83 -6.78 12.26 10.66
C SER B 83 -7.84 12.20 11.77
N PHE B 84 -9.11 12.01 11.39
CA PHE B 84 -10.15 11.96 12.40
C PHE B 84 -10.04 10.71 13.27
N GLU B 85 -9.70 9.58 12.65
CA GLU B 85 -9.51 8.33 13.36
C GLU B 85 -8.48 8.50 14.47
N ALA B 86 -7.38 9.18 14.17
CA ALA B 86 -6.36 9.34 15.19
C ALA B 86 -6.82 10.30 16.27
N ALA B 87 -7.68 11.27 15.90
CA ALA B 87 -8.18 12.21 16.91
C ALA B 87 -9.19 11.54 17.83
N LEU B 88 -10.03 10.64 17.29
CA LEU B 88 -10.90 9.83 18.13
C LEU B 88 -10.09 9.01 19.14
N TRP B 89 -9.01 8.36 18.68
CA TRP B 89 -8.19 7.58 19.61
C TRP B 89 -7.65 8.46 20.73
N GLN B 90 -7.21 9.66 20.38
CA GLN B 90 -6.61 10.52 21.39
C GLN B 90 -7.65 11.14 22.32
N GLN B 91 -8.85 11.43 21.81
CA GLN B 91 -9.76 12.28 22.56
C GLN B 91 -10.92 11.55 23.25
N TRP B 92 -11.13 10.27 22.96
CA TRP B 92 -12.16 9.46 23.61
C TRP B 92 -11.55 8.60 24.71
N ASP B 93 -12.33 8.38 25.78
CA ASP B 93 -11.93 7.44 26.81
C ASP B 93 -12.09 6.02 26.28
N ARG B 94 -11.37 5.10 26.92
CA ARG B 94 -11.41 3.71 26.50
C ARG B 94 -12.83 3.14 26.49
N GLN B 95 -13.61 3.42 27.56
CA GLN B 95 -14.96 2.88 27.63
C GLN B 95 -15.83 3.31 26.45
N SER B 96 -15.82 4.60 26.12
CA SER B 96 -16.65 5.04 25.01
C SER B 96 -16.26 4.38 23.71
N LEU B 97 -14.95 4.23 23.49
CA LEU B 97 -14.44 3.60 22.27
C LEU B 97 -14.88 2.14 22.19
N ILE B 98 -14.69 1.42 23.29
CA ILE B 98 -15.08 0.01 23.33
C ILE B 98 -16.57 -0.15 23.05
N MET B 99 -17.41 0.69 23.67
CA MET B 99 -18.84 0.54 23.47
CA MET B 99 -18.84 0.56 23.48
C MET B 99 -19.22 0.86 22.03
N PHE B 100 -18.63 1.92 21.45
CA PHE B 100 -18.94 2.31 20.08
C PHE B 100 -18.47 1.24 19.10
N ILE B 101 -17.26 0.71 19.32
CA ILE B 101 -16.74 -0.35 18.44
C ILE B 101 -17.63 -1.59 18.49
N THR B 102 -18.01 -2.03 19.69
CA THR B 102 -18.81 -3.24 19.77
C THR B 102 -20.19 -3.02 19.15
N ALA B 103 -20.78 -1.84 19.37
CA ALA B 103 -22.07 -1.57 18.75
C ALA B 103 -21.95 -1.59 17.23
N PHE B 104 -20.96 -0.88 16.69
CA PHE B 104 -20.81 -0.83 15.23
C PHE B 104 -20.63 -2.23 14.63
N LEU B 105 -19.68 -3.01 15.18
CA LEU B 105 -19.42 -4.32 14.59
C LEU B 105 -20.65 -5.23 14.65
N ASN B 106 -21.53 -5.04 15.62
CA ASN B 106 -22.70 -5.90 15.74
C ASN B 106 -23.88 -5.43 14.94
N ILE B 107 -23.83 -4.23 14.36
CA ILE B 107 -24.86 -3.79 13.43
C ILE B 107 -24.36 -3.69 12.00
N ALA B 108 -23.05 -3.62 11.77
CA ALA B 108 -22.58 -3.35 10.41
C ALA B 108 -22.88 -4.50 9.45
N LEU B 109 -22.82 -5.74 9.93
CA LEU B 109 -23.00 -6.86 8.99
C LEU B 109 -24.47 -7.17 8.72
N GLN B 110 -25.40 -6.51 9.40
CA GLN B 110 -26.83 -6.70 9.14
C GLN B 110 -27.49 -5.57 8.36
N LEU B 111 -26.86 -4.43 8.25
CA LEU B 111 -27.55 -3.33 7.58
C LEU B 111 -27.25 -3.31 6.09
N PRO B 112 -28.17 -2.79 5.29
CA PRO B 112 -27.88 -2.64 3.86
C PRO B 112 -26.76 -1.64 3.65
N CYS B 113 -25.85 -1.96 2.74
CA CYS B 113 -24.68 -1.11 2.59
C CYS B 113 -24.82 -0.08 1.46
N GLU B 114 -25.92 -0.13 0.72
CA GLU B 114 -26.20 0.77 -0.39
C GLU B 114 -27.60 1.33 -0.24
N SER B 115 -27.88 2.45 -0.91
CA SER B 115 -29.19 3.04 -0.68
C SER B 115 -30.16 2.67 -1.79
N SER B 116 -31.35 3.26 -1.74
CA SER B 116 -32.48 2.79 -2.56
CA SER B 116 -32.47 2.78 -2.56
C SER B 116 -32.22 2.97 -4.04
N ALA B 117 -31.58 4.09 -4.44
CA ALA B 117 -31.41 4.33 -5.89
C ALA B 117 -30.64 3.20 -6.56
N VAL B 118 -29.72 2.58 -5.84
CA VAL B 118 -28.97 1.43 -6.36
C VAL B 118 -29.76 0.15 -6.19
N VAL B 119 -30.34 -0.05 -5.01
CA VAL B 119 -30.92 -1.35 -4.69
C VAL B 119 -32.20 -1.63 -5.49
N VAL B 120 -33.03 -0.61 -5.71
CA VAL B 120 -34.36 -0.90 -6.27
C VAL B 120 -34.38 -0.89 -7.78
N SER B 121 -33.29 -0.51 -8.44
CA SER B 121 -33.33 -0.35 -9.90
C SER B 121 -32.77 -1.57 -10.65
N GLY B 122 -32.58 -2.71 -9.99
CA GLY B 122 -32.20 -3.92 -10.69
C GLY B 122 -31.21 -4.84 -10.00
N LEU B 123 -30.39 -4.27 -9.09
CA LEU B 123 -29.41 -5.07 -8.36
C LEU B 123 -30.05 -6.24 -7.62
N ARG B 124 -31.26 -6.05 -7.11
CA ARG B 124 -31.92 -7.14 -6.40
C ARG B 124 -32.12 -8.35 -7.29
N THR B 125 -32.26 -8.16 -8.62
CA THR B 125 -32.47 -9.30 -9.49
C THR B 125 -31.22 -10.11 -9.70
N LEU B 126 -30.08 -9.66 -9.18
CA LEU B 126 -28.84 -10.37 -9.31
C LEU B 126 -28.55 -11.24 -8.11
N VAL B 127 -29.20 -10.98 -6.99
CA VAL B 127 -28.82 -11.63 -5.73
C VAL B 127 -29.13 -13.12 -5.83
N PRO B 128 -28.15 -13.99 -5.57
CA PRO B 128 -28.35 -15.42 -5.78
C PRO B 128 -29.15 -16.03 -4.65
N GLN B 129 -29.58 -17.26 -4.88
CA GLN B 129 -30.43 -17.95 -3.92
C GLN B 129 -29.64 -18.30 -2.66
N SER B 130 -30.33 -18.24 -1.52
CA SER B 130 -29.76 -18.57 -0.23
C SER B 130 -30.40 -19.85 0.31
N ASP B 131 -29.83 -20.36 1.39
CA ASP B 131 -30.36 -21.57 2.05
C ASP B 131 -31.75 -21.30 2.62
N GLY C 2 31.73 -8.82 4.83
CA GLY C 2 31.03 -7.90 5.72
C GLY C 2 30.47 -6.68 5.01
N ALA C 3 29.95 -6.90 3.80
CA ALA C 3 29.41 -5.82 2.99
C ALA C 3 27.96 -5.56 3.36
N ILE C 4 27.62 -4.29 3.58
CA ILE C 4 26.27 -3.91 3.93
C ILE C 4 25.50 -3.76 2.61
N THR C 5 25.07 -4.88 2.04
CA THR C 5 24.22 -4.86 0.84
C THR C 5 22.79 -4.44 1.23
N LEU C 6 21.96 -4.21 0.21
CA LEU C 6 20.57 -3.87 0.50
CA LEU C 6 20.55 -3.90 0.46
C LEU C 6 19.85 -5.02 1.23
N LEU C 7 20.16 -6.26 0.89
CA LEU C 7 19.57 -7.39 1.61
C LEU C 7 20.06 -7.45 3.05
N THR C 8 21.35 -7.19 3.27
CA THR C 8 21.86 -7.18 4.65
C THR C 8 21.23 -6.06 5.47
N LEU C 9 20.96 -4.90 4.85
CA LEU C 9 20.24 -3.85 5.57
C LEU C 9 18.88 -4.34 6.02
N ILE C 10 18.12 -4.89 5.06
CA ILE C 10 16.78 -5.41 5.31
C ILE C 10 16.80 -6.48 6.39
N LYS C 11 17.76 -7.42 6.31
CA LYS C 11 17.83 -8.47 7.32
C LYS C 11 18.14 -7.89 8.70
N THR C 12 18.99 -6.87 8.73
CA THR C 12 19.34 -6.24 10.00
C THR C 12 18.13 -5.51 10.60
N ALA C 13 17.37 -4.81 9.77
CA ALA C 13 16.16 -4.16 10.28
C ALA C 13 15.16 -5.18 10.79
N GLU C 14 15.01 -6.28 10.06
CA GLU C 14 14.04 -7.29 10.46
C GLU C 14 14.42 -7.91 11.80
N HIS C 15 15.72 -8.17 12.00
CA HIS C 15 16.19 -8.70 13.28
C HIS C 15 15.90 -7.73 14.42
N TRP C 16 16.24 -6.46 14.22
CA TRP C 16 16.10 -5.52 15.34
C TRP C 16 14.66 -5.10 15.60
N ALA C 17 13.78 -5.19 14.60
CA ALA C 17 12.38 -4.87 14.81
C ALA C 17 11.74 -5.77 15.87
N ARG C 18 12.27 -6.98 16.05
CA ARG C 18 11.66 -7.93 16.95
C ARG C 18 12.51 -8.15 18.20
N GLN C 19 13.51 -7.32 18.42
CA GLN C 19 14.24 -7.39 19.69
C GLN C 19 13.65 -6.42 20.69
N ASP C 20 13.81 -6.74 21.98
CA ASP C 20 13.45 -5.84 23.08
C ASP C 20 14.62 -4.90 23.29
N ILE C 21 14.47 -3.64 22.88
CA ILE C 21 15.54 -2.67 22.98
C ILE C 21 15.30 -1.67 24.10
N ARG C 22 14.35 -1.95 25.00
CA ARG C 22 13.99 -0.99 26.05
C ARG C 22 15.16 -0.65 26.97
N THR C 23 16.07 -1.59 27.22
CA THR C 23 17.18 -1.28 28.11
C THR C 23 18.49 -1.55 27.41
N ILE C 24 18.52 -1.32 26.10
CA ILE C 24 19.70 -1.61 25.29
C ILE C 24 20.79 -0.56 25.53
N GLU C 25 22.04 -0.99 25.40
CA GLU C 25 23.17 -0.09 25.60
C GLU C 25 23.12 1.12 24.67
N ASP C 26 23.67 2.24 25.16
CA ASP C 26 23.65 3.50 24.42
C ASP C 26 24.27 3.34 23.04
N SER C 27 25.43 2.67 22.95
CA SER C 27 26.08 2.59 21.65
C SER C 27 25.24 1.80 20.64
N LYS C 28 24.49 0.78 21.09
CA LYS C 28 23.60 0.04 20.19
C LYS C 28 22.38 0.88 19.78
N LEU C 29 21.79 1.62 20.72
CA LEU C 29 20.70 2.52 20.37
C LEU C 29 21.15 3.58 19.38
N ARG C 30 22.37 4.08 19.54
CA ARG C 30 22.90 5.08 18.62
C ARG C 30 23.03 4.51 17.22
N ALA C 31 23.50 3.26 17.11
CA ALA C 31 23.60 2.64 15.79
C ALA C 31 22.23 2.34 15.20
N LEU C 32 21.24 1.96 16.04
CA LEU C 32 19.89 1.76 15.51
C LEU C 32 19.32 3.05 14.94
N LEU C 33 19.66 4.20 15.52
CA LEU C 33 19.22 5.45 14.92
C LEU C 33 19.81 5.63 13.54
N THR C 34 21.12 5.30 13.39
CA THR C 34 21.74 5.34 12.06
C THR C 34 21.06 4.37 11.11
N LEU C 35 20.74 3.16 11.57
CA LEU C 35 20.00 2.24 10.71
C LEU C 35 18.68 2.85 10.26
N CYS C 36 17.96 3.50 11.17
CA CYS C 36 16.70 4.12 10.81
C CYS C 36 16.89 5.21 9.78
N ALA C 37 17.92 6.03 9.94
CA ALA C 37 18.16 7.12 8.98
C ALA C 37 18.51 6.57 7.60
N VAL C 38 19.41 5.58 7.57
CA VAL C 38 19.80 4.95 6.30
C VAL C 38 18.59 4.35 5.61
N MET C 39 17.74 3.64 6.36
CA MET C 39 16.57 3.01 5.77
CA MET C 39 16.59 3.02 5.72
C MET C 39 15.57 4.05 5.27
N THR C 40 15.42 5.16 6.02
CA THR C 40 14.49 6.19 5.56
C THR C 40 14.90 6.67 4.19
N ARG C 41 16.20 6.75 3.94
CA ARG C 41 16.69 7.17 2.61
C ARG C 41 16.58 6.09 1.55
N LYS C 42 16.08 4.89 1.87
CA LYS C 42 15.75 3.93 0.81
C LYS C 42 14.30 4.05 0.34
N PHE C 43 13.55 5.03 0.87
CA PHE C 43 12.22 5.37 0.38
C PHE C 43 12.32 6.58 -0.52
N SER C 44 11.55 6.59 -1.61
CA SER C 44 11.49 7.83 -2.35
C SER C 44 10.86 8.90 -1.46
N LYS C 45 11.15 10.16 -1.77
CA LYS C 45 10.67 11.25 -0.93
C LYS C 45 9.14 11.29 -0.88
N SER C 46 8.48 10.83 -1.95
CA SER C 46 7.03 10.80 -2.00
C SER C 46 6.40 9.92 -0.92
N GLN C 47 7.15 9.00 -0.33
CA GLN C 47 6.60 8.05 0.63
C GLN C 47 6.69 8.53 2.06
N LEU C 48 7.23 9.73 2.30
CA LEU C 48 7.42 10.12 3.69
C LEU C 48 6.10 10.38 4.41
N SER C 49 5.09 10.92 3.72
CA SER C 49 3.80 11.13 4.39
CA SER C 49 3.80 11.13 4.39
C SER C 49 3.13 9.82 4.73
N LEU C 50 3.36 8.79 3.91
CA LEU C 50 2.82 7.47 4.17
C LEU C 50 3.51 6.84 5.38
N LEU C 51 4.84 7.00 5.48
CA LEU C 51 5.52 6.54 6.68
C LEU C 51 4.92 7.19 7.92
N CYS C 52 4.69 8.51 7.85
CA CYS C 52 4.13 9.25 8.98
C CYS C 52 2.75 8.73 9.36
N GLU C 53 1.84 8.59 8.37
CA GLU C 53 0.49 8.11 8.68
C GLU C 53 0.52 6.75 9.34
N THR C 54 1.34 5.86 8.78
CA THR C 54 1.41 4.49 9.27
C THR C 54 1.98 4.47 10.69
N HIS C 55 3.03 5.27 10.92
CA HIS C 55 3.64 5.41 12.24
C HIS C 55 2.61 5.89 13.27
N LEU C 56 1.87 6.94 12.93
CA LEU C 56 0.89 7.46 13.88
C LEU C 56 -0.17 6.42 14.22
N ARG C 57 -0.68 5.70 13.21
CA ARG C 57 -1.70 4.68 13.44
C ARG C 57 -1.17 3.54 14.31
N ARG C 58 0.00 3.02 13.96
CA ARG C 58 0.55 1.91 14.71
CA ARG C 58 0.57 1.91 14.71
C ARG C 58 0.80 2.29 16.16
N GLU C 59 1.32 3.49 16.42
CA GLU C 59 1.74 3.89 17.76
C GLU C 59 0.63 4.57 18.57
N GLY C 60 -0.60 4.60 18.04
CA GLY C 60 -1.68 5.23 18.79
C GLY C 60 -1.40 6.68 19.12
N LEU C 61 -0.66 7.37 18.27
CA LEU C 61 -0.38 8.79 18.49
C LEU C 61 -1.56 9.62 18.01
N GLY C 62 -1.73 10.77 18.65
CA GLY C 62 -2.75 11.70 18.20
C GLY C 62 -2.35 12.33 16.88
N GLN C 63 -3.31 13.01 16.26
CA GLN C 63 -3.00 13.75 15.04
C GLN C 63 -2.13 14.96 15.32
N ASP C 64 -2.06 15.44 16.57
CA ASP C 64 -1.13 16.51 16.90
C ASP C 64 0.35 16.08 16.85
N GLN C 65 0.64 14.77 16.74
CA GLN C 65 2.00 14.29 16.56
CA GLN C 65 2.01 14.33 16.55
C GLN C 65 2.40 14.22 15.09
N ALA C 66 1.47 14.50 14.18
CA ALA C 66 1.78 14.30 12.76
C ALA C 66 2.85 15.26 12.28
N GLU C 67 2.77 16.54 12.69
CA GLU C 67 3.80 17.49 12.26
C GLU C 67 5.20 17.11 12.73
N PRO C 68 5.44 16.84 14.03
CA PRO C 68 6.81 16.46 14.43
C PRO C 68 7.26 15.11 13.88
N VAL C 69 6.36 14.13 13.73
CA VAL C 69 6.78 12.84 13.18
C VAL C 69 7.17 13.00 11.70
N LEU C 70 6.34 13.70 10.93
CA LEU C 70 6.72 13.93 9.54
C LEU C 70 8.04 14.70 9.45
N GLU C 71 8.26 15.67 10.35
CA GLU C 71 9.50 16.45 10.32
C GLU C 71 10.70 15.56 10.53
N VAL C 72 10.60 14.58 11.44
CA VAL C 72 11.73 13.69 11.69
C VAL C 72 12.05 12.87 10.42
N TYR C 73 11.02 12.31 9.78
CA TYR C 73 11.25 11.54 8.56
C TYR C 73 11.85 12.41 7.46
N GLN C 74 11.31 13.61 7.28
CA GLN C 74 11.79 14.48 6.23
C GLN C 74 13.25 14.86 6.44
N ARG C 75 13.62 15.15 7.69
CA ARG C 75 14.97 15.62 7.98
CA ARG C 75 14.97 15.61 7.99
C ARG C 75 15.98 14.47 7.98
N LEU C 76 15.57 13.25 8.34
CA LEU C 76 16.47 12.10 8.17
C LEU C 76 16.65 11.83 6.69
N HIS C 77 15.58 11.92 5.92
CA HIS C 77 15.69 11.69 4.47
C HIS C 77 16.66 12.67 3.80
N SER C 78 16.66 13.94 4.22
CA SER C 78 17.53 14.93 3.57
C SER C 78 18.83 15.14 4.32
N ASP C 79 19.10 14.34 5.36
CA ASP C 79 20.27 14.57 6.18
C ASP C 79 21.56 14.38 5.37
N LYS C 80 22.55 15.22 5.67
CA LYS C 80 23.88 15.08 5.11
C LYS C 80 24.84 15.04 6.27
N GLY C 81 25.80 14.12 6.20
CA GLY C 81 26.85 14.06 7.20
C GLY C 81 26.36 13.74 8.60
N GLY C 82 25.14 13.25 8.74
CA GLY C 82 24.59 12.88 10.02
C GLY C 82 24.27 14.05 10.92
N SER C 83 24.10 15.26 10.35
CA SER C 83 23.94 16.47 11.16
C SER C 83 22.63 16.44 11.94
N PHE C 84 21.52 16.22 11.23
CA PHE C 84 20.23 16.12 11.92
C PHE C 84 20.17 14.89 12.84
N GLU C 85 20.68 13.76 12.38
CA GLU C 85 20.73 12.55 13.20
C GLU C 85 21.47 12.79 14.51
N ALA C 86 22.60 13.50 14.44
CA ALA C 86 23.27 13.83 15.70
C ALA C 86 22.42 14.72 16.59
N ALA C 87 21.75 15.72 16.01
CA ALA C 87 20.95 16.63 16.83
C ALA C 87 19.80 15.88 17.49
N LEU C 88 19.21 14.93 16.77
CA LEU C 88 18.11 14.14 17.31
C LEU C 88 18.59 13.31 18.50
N TRP C 89 19.77 12.69 18.37
CA TRP C 89 20.33 11.92 19.46
C TRP C 89 20.55 12.80 20.69
N GLN C 90 20.99 14.04 20.46
CA GLN C 90 21.28 14.91 21.60
C GLN C 90 20.02 15.47 22.24
N GLN C 91 19.04 15.88 21.43
CA GLN C 91 17.91 16.65 21.97
C GLN C 91 16.76 15.79 22.47
N TRP C 92 16.58 14.58 21.93
CA TRP C 92 15.48 13.71 22.32
C TRP C 92 15.87 12.86 23.53
N ASP C 93 14.89 12.65 24.41
CA ASP C 93 15.08 11.72 25.51
C ASP C 93 15.15 10.29 24.97
N ARG C 94 15.78 9.41 25.76
CA ARG C 94 16.02 8.06 25.27
C ARG C 94 14.73 7.28 25.06
N GLN C 95 13.72 7.52 25.92
CA GLN C 95 12.44 6.81 25.75
C GLN C 95 11.78 7.19 24.43
N SER C 96 11.83 8.48 24.07
CA SER C 96 11.27 8.92 22.80
C SER C 96 11.99 8.26 21.65
N LEU C 97 13.32 8.16 21.74
CA LEU C 97 14.08 7.58 20.63
CA LEU C 97 14.07 7.57 20.63
C LEU C 97 13.76 6.08 20.49
N ILE C 98 13.71 5.35 21.60
CA ILE C 98 13.37 3.94 21.57
C ILE C 98 12.01 3.73 20.91
N MET C 99 11.01 4.53 21.30
CA MET C 99 9.68 4.34 20.73
CA MET C 99 9.68 4.34 20.74
C MET C 99 9.68 4.60 19.23
N PHE C 100 10.36 5.66 18.79
CA PHE C 100 10.39 5.99 17.36
C PHE C 100 11.08 4.91 16.55
N ILE C 101 12.21 4.41 17.06
CA ILE C 101 12.99 3.43 16.32
C ILE C 101 12.21 2.12 16.19
N THR C 102 11.61 1.64 17.29
CA THR C 102 10.84 0.39 17.21
CA THR C 102 10.84 0.39 17.21
C THR C 102 9.69 0.54 16.23
N ALA C 103 8.98 1.67 16.27
CA ALA C 103 7.86 1.85 15.35
C ALA C 103 8.35 1.87 13.91
N PHE C 104 9.43 2.57 13.64
CA PHE C 104 9.92 2.61 12.26
C PHE C 104 10.34 1.24 11.78
N LEU C 105 11.13 0.53 12.58
CA LEU C 105 11.61 -0.75 12.09
C LEU C 105 10.48 -1.75 11.87
N ASN C 106 9.34 -1.57 12.53
CA ASN C 106 8.25 -2.51 12.36
C ASN C 106 7.30 -2.12 11.24
N ILE C 107 7.50 -0.98 10.60
CA ILE C 107 6.73 -0.63 9.42
C ILE C 107 7.58 -0.53 8.16
N ALA C 108 8.90 -0.29 8.29
CA ALA C 108 9.73 0.05 7.13
C ALA C 108 9.82 -1.08 6.13
N LEU C 109 9.72 -2.32 6.57
CA LEU C 109 9.84 -3.43 5.65
C LEU C 109 8.51 -3.80 5.00
N GLN C 110 7.41 -3.23 5.46
CA GLN C 110 6.08 -3.54 4.95
C GLN C 110 5.52 -2.48 4.00
N LEU C 111 6.14 -1.29 3.94
CA LEU C 111 5.55 -0.24 3.11
C LEU C 111 6.22 -0.19 1.74
N PRO C 112 5.48 0.25 0.72
CA PRO C 112 6.12 0.44 -0.59
C PRO C 112 7.21 1.51 -0.52
N CYS C 113 8.34 1.25 -1.17
CA CYS C 113 9.45 2.19 -1.15
C CYS C 113 9.43 3.15 -2.33
N GLU C 114 8.48 2.99 -3.26
CA GLU C 114 8.26 3.90 -4.38
C GLU C 114 6.77 4.16 -4.51
N SER C 115 6.40 5.32 -5.06
CA SER C 115 4.98 5.59 -5.35
C SER C 115 4.66 6.16 -6.71
N SER C 116 5.64 6.70 -7.44
CA SER C 116 5.37 7.26 -8.76
C SER C 116 4.56 6.27 -9.60
N ALA C 117 3.44 6.75 -10.15
CA ALA C 117 2.51 5.87 -10.84
C ALA C 117 3.21 5.10 -11.96
N VAL C 118 4.00 5.81 -12.78
CA VAL C 118 4.62 5.14 -13.93
C VAL C 118 5.70 4.18 -13.46
N VAL C 119 6.33 4.50 -12.32
CA VAL C 119 7.36 3.63 -11.75
C VAL C 119 6.72 2.37 -11.17
N VAL C 120 5.76 2.53 -10.25
CA VAL C 120 5.10 1.37 -9.64
C VAL C 120 4.44 0.50 -10.70
N SER C 121 3.84 1.12 -11.72
CA SER C 121 3.21 0.32 -12.77
C SER C 121 4.24 -0.55 -13.49
N GLY C 122 5.40 0.02 -13.80
CA GLY C 122 6.41 -0.74 -14.52
C GLY C 122 6.95 -1.86 -13.65
N LEU C 123 7.34 -1.52 -12.41
CA LEU C 123 7.85 -2.52 -11.48
C LEU C 123 6.86 -3.67 -11.30
N ARG C 124 5.56 -3.36 -11.15
CA ARG C 124 4.58 -4.41 -10.88
C ARG C 124 4.55 -5.45 -11.98
N THR C 125 4.75 -5.03 -13.25
CA THR C 125 4.74 -5.96 -14.37
C THR C 125 5.92 -6.92 -14.33
N LEU C 126 6.96 -6.62 -13.55
CA LEU C 126 8.14 -7.48 -13.42
C LEU C 126 8.12 -8.39 -12.20
N VAL C 127 7.18 -8.22 -11.28
CA VAL C 127 7.30 -8.93 -10.00
C VAL C 127 7.05 -10.41 -10.23
N PRO C 128 7.91 -11.31 -9.71
CA PRO C 128 7.75 -12.74 -10.02
C PRO C 128 6.74 -13.42 -9.10
N GLY D 2 0.31 -6.29 -3.59
CA GLY D 2 1.12 -5.73 -4.65
C GLY D 2 1.87 -4.46 -4.24
N ALA D 3 2.36 -4.43 -3.00
CA ALA D 3 3.19 -3.32 -2.54
C ALA D 3 4.63 -3.55 -2.95
N ILE D 4 5.25 -2.53 -3.53
CA ILE D 4 6.64 -2.64 -3.99
C ILE D 4 7.51 -2.26 -2.81
N THR D 5 7.64 -3.20 -1.87
CA THR D 5 8.54 -2.99 -0.74
C THR D 5 10.00 -3.12 -1.19
N LEU D 6 10.90 -2.77 -0.27
CA LEU D 6 12.33 -2.95 -0.52
C LEU D 6 12.65 -4.41 -0.83
N LEU D 7 12.04 -5.34 -0.08
CA LEU D 7 12.33 -6.76 -0.32
C LEU D 7 11.75 -7.22 -1.66
N THR D 8 10.57 -6.74 -2.01
CA THR D 8 10.01 -7.06 -3.33
C THR D 8 10.93 -6.55 -4.46
N LEU D 9 11.46 -5.33 -4.31
CA LEU D 9 12.44 -4.81 -5.27
C LEU D 9 13.60 -5.78 -5.43
N ILE D 10 14.21 -6.16 -4.30
CA ILE D 10 15.36 -7.07 -4.29
C ILE D 10 15.02 -8.37 -4.98
N LYS D 11 13.88 -8.96 -4.60
CA LYS D 11 13.53 -10.25 -5.17
C LYS D 11 13.28 -10.13 -6.66
N THR D 12 12.75 -9.00 -7.10
CA THR D 12 12.47 -8.80 -8.52
C THR D 12 13.77 -8.65 -9.31
N ALA D 13 14.73 -7.91 -8.76
CA ALA D 13 16.05 -7.81 -9.39
C ALA D 13 16.75 -9.15 -9.45
N GLU D 14 16.67 -9.91 -8.36
CA GLU D 14 17.31 -11.22 -8.32
C GLU D 14 16.70 -12.17 -9.35
N HIS D 15 15.38 -12.11 -9.53
CA HIS D 15 14.73 -12.96 -10.55
C HIS D 15 15.24 -12.59 -11.93
N TRP D 16 15.20 -11.31 -12.26
CA TRP D 16 15.53 -10.91 -13.62
C TRP D 16 17.00 -10.97 -13.92
N ALA D 17 17.86 -10.97 -12.89
CA ALA D 17 19.30 -11.12 -13.12
C ALA D 17 19.61 -12.46 -13.75
N ARG D 18 18.80 -13.46 -13.49
CA ARG D 18 19.02 -14.82 -13.97
C ARG D 18 18.19 -15.17 -15.20
N GLN D 19 17.37 -14.24 -15.69
CA GLN D 19 16.59 -14.53 -16.88
C GLN D 19 17.39 -14.18 -18.13
N ASP D 20 17.09 -14.88 -19.23
CA ASP D 20 17.63 -14.58 -20.55
C ASP D 20 16.74 -13.52 -21.17
N ILE D 21 17.24 -12.29 -21.24
CA ILE D 21 16.45 -11.18 -21.76
C ILE D 21 16.88 -10.75 -23.17
N ARG D 22 17.64 -11.60 -23.87
CA ARG D 22 18.20 -11.21 -25.17
C ARG D 22 17.12 -10.89 -26.19
N THR D 23 15.96 -11.55 -26.10
CA THR D 23 14.90 -11.31 -27.09
C THR D 23 13.60 -10.95 -26.36
N ILE D 24 13.73 -10.25 -25.25
CA ILE D 24 12.56 -9.92 -24.44
C ILE D 24 11.79 -8.79 -25.11
N GLU D 25 10.47 -8.80 -24.90
CA GLU D 25 9.59 -7.80 -25.49
C GLU D 25 9.96 -6.38 -25.02
N ASP D 26 9.71 -5.41 -25.90
CA ASP D 26 10.05 -4.02 -25.63
C ASP D 26 9.48 -3.53 -24.31
N SER D 27 8.20 -3.84 -24.04
CA SER D 27 7.63 -3.28 -22.81
C SER D 27 8.32 -3.85 -21.57
N LYS D 28 8.73 -5.12 -21.61
CA LYS D 28 9.46 -5.67 -20.45
C LYS D 28 10.86 -5.10 -20.32
N LEU D 29 11.56 -4.88 -21.44
CA LEU D 29 12.87 -4.25 -21.36
C LEU D 29 12.77 -2.82 -20.84
N ARG D 30 11.72 -2.10 -21.23
CA ARG D 30 11.50 -0.73 -20.76
C ARG D 30 11.30 -0.71 -19.26
N ALA D 31 10.56 -1.69 -18.75
CA ALA D 31 10.35 -1.76 -17.30
C ALA D 31 11.62 -2.17 -16.57
N LEU D 32 12.45 -3.05 -17.19
CA LEU D 32 13.72 -3.40 -16.58
C LEU D 32 14.64 -2.20 -16.46
N LEU D 33 14.58 -1.27 -17.42
CA LEU D 33 15.35 -0.04 -17.28
C LEU D 33 14.86 0.78 -16.09
N THR D 34 13.53 0.86 -15.90
CA THR D 34 13.01 1.50 -14.69
C THR D 34 13.50 0.81 -13.43
N LEU D 35 13.50 -0.52 -13.42
CA LEU D 35 13.99 -1.24 -12.25
C LEU D 35 15.44 -0.89 -11.95
N CYS D 36 16.28 -0.81 -12.99
CA CYS D 36 17.68 -0.45 -12.76
C CYS D 36 17.80 0.97 -12.24
N ALA D 37 17.00 1.89 -12.77
CA ALA D 37 17.06 3.28 -12.29
C ALA D 37 16.66 3.37 -10.82
N VAL D 38 15.56 2.71 -10.46
CA VAL D 38 15.07 2.71 -9.09
C VAL D 38 16.10 2.10 -8.15
N MET D 39 16.69 0.96 -8.55
CA MET D 39 17.69 0.29 -7.73
CA MET D 39 17.67 0.33 -7.68
C MET D 39 18.94 1.14 -7.58
N THR D 40 19.35 1.83 -8.65
CA THR D 40 20.51 2.70 -8.55
C THR D 40 20.31 3.73 -7.46
N ARG D 41 19.10 4.25 -7.33
CA ARG D 41 18.78 5.22 -6.27
C ARG D 41 18.68 4.60 -4.87
N LYS D 42 18.84 3.30 -4.71
CA LYS D 42 18.95 2.72 -3.37
C LYS D 42 20.41 2.61 -2.92
N PHE D 43 21.35 3.10 -3.72
CA PHE D 43 22.76 3.21 -3.29
C PHE D 43 23.03 4.65 -2.90
N SER D 44 23.85 4.85 -1.87
CA SER D 44 24.25 6.22 -1.59
C SER D 44 25.09 6.73 -2.77
N LYS D 45 25.11 8.05 -2.94
CA LYS D 45 25.83 8.62 -4.08
C LYS D 45 27.30 8.20 -4.09
N SER D 46 27.88 7.97 -2.91
CA SER D 46 29.30 7.62 -2.80
C SER D 46 29.62 6.29 -3.45
N GLN D 47 28.63 5.43 -3.70
CA GLN D 47 28.87 4.10 -4.23
C GLN D 47 28.88 4.02 -5.76
N LEU D 48 28.59 5.12 -6.45
CA LEU D 48 28.44 5.01 -7.91
C LEU D 48 29.76 4.68 -8.61
N SER D 49 30.89 5.17 -8.10
CA SER D 49 32.16 4.78 -8.72
CA SER D 49 32.16 4.79 -8.71
C SER D 49 32.43 3.30 -8.48
N LEU D 50 31.99 2.77 -7.34
CA LEU D 50 32.13 1.35 -7.07
C LEU D 50 31.27 0.54 -8.05
N LEU D 51 30.04 1.00 -8.30
CA LEU D 51 29.21 0.34 -9.31
C LEU D 51 29.90 0.32 -10.65
N CYS D 52 30.50 1.45 -11.02
CA CYS D 52 31.16 1.57 -12.32
C CYS D 52 32.34 0.61 -12.44
N GLU D 53 33.24 0.62 -11.45
CA GLU D 53 34.40 -0.28 -11.51
C GLU D 53 33.97 -1.73 -11.62
N THR D 54 32.98 -2.12 -10.81
CA THR D 54 32.54 -3.51 -10.79
C THR D 54 31.92 -3.88 -12.12
N HIS D 55 31.09 -2.99 -12.67
CA HIS D 55 30.48 -3.17 -13.99
C HIS D 55 31.55 -3.37 -15.06
N LEU D 56 32.53 -2.50 -15.09
CA LEU D 56 33.59 -2.63 -16.10
C LEU D 56 34.31 -3.98 -15.98
N ARG D 57 34.65 -4.40 -14.75
CA ARG D 57 35.37 -5.67 -14.58
C ARG D 57 34.52 -6.86 -14.99
N ARG D 58 33.26 -6.89 -14.54
CA ARG D 58 32.40 -8.02 -14.86
CA ARG D 58 32.41 -8.03 -14.86
C ARG D 58 32.18 -8.14 -16.37
N GLU D 59 32.03 -6.99 -17.06
CA GLU D 59 31.64 -7.04 -18.47
C GLU D 59 32.83 -7.02 -19.43
N GLY D 60 34.05 -7.05 -18.92
CA GLY D 60 35.21 -7.08 -19.78
C GLY D 60 35.32 -5.85 -20.65
N LEU D 61 34.87 -4.71 -20.14
CA LEU D 61 34.95 -3.45 -20.85
C LEU D 61 36.31 -2.80 -20.65
N GLY D 62 36.72 -2.02 -21.63
CA GLY D 62 37.97 -1.29 -21.50
C GLY D 62 37.80 -0.15 -20.52
N GLN D 63 38.93 0.43 -20.12
CA GLN D 63 38.89 1.58 -19.24
C GLN D 63 38.33 2.81 -19.93
N ASP D 64 38.35 2.87 -21.27
CA ASP D 64 37.69 3.97 -21.97
C ASP D 64 36.16 3.99 -21.79
N GLN D 65 35.54 2.89 -21.37
CA GLN D 65 34.11 2.92 -21.11
CA GLN D 65 34.11 2.85 -21.08
C GLN D 65 33.79 3.42 -19.70
N ALA D 66 34.80 3.77 -18.91
CA ALA D 66 34.55 4.19 -17.53
C ALA D 66 33.76 5.48 -17.47
N GLU D 67 34.10 6.46 -18.32
CA GLU D 67 33.36 7.72 -18.32
C GLU D 67 31.88 7.52 -18.68
N PRO D 68 31.54 6.87 -19.81
CA PRO D 68 30.11 6.71 -20.12
C PRO D 68 29.34 5.84 -19.14
N VAL D 69 29.96 4.78 -18.60
CA VAL D 69 29.25 3.94 -17.62
C VAL D 69 28.98 4.74 -16.34
N LEU D 70 30.01 5.39 -15.82
CA LEU D 70 29.80 6.24 -14.64
C LEU D 70 28.74 7.31 -14.91
N GLU D 71 28.75 7.90 -16.11
CA GLU D 71 27.74 8.91 -16.43
C GLU D 71 26.33 8.35 -16.35
N VAL D 72 26.11 7.12 -16.86
CA VAL D 72 24.78 6.51 -16.81
C VAL D 72 24.34 6.32 -15.36
N TYR D 73 25.22 5.77 -14.50
CA TYR D 73 24.86 5.59 -13.10
C TYR D 73 24.56 6.91 -12.40
N GLN D 74 25.41 7.92 -12.62
CA GLN D 74 25.21 9.21 -11.99
C GLN D 74 23.90 9.86 -12.42
N ARG D 75 23.57 9.79 -13.72
CA ARG D 75 22.38 10.46 -14.21
CA ARG D 75 22.38 10.49 -14.16
C ARG D 75 21.10 9.70 -13.86
N LEU D 76 21.18 8.37 -13.74
CA LEU D 76 20.04 7.62 -13.21
C LEU D 76 19.85 7.95 -11.74
N HIS D 77 20.95 8.07 -11.00
CA HIS D 77 20.86 8.38 -9.59
C HIS D 77 20.22 9.73 -9.34
N SER D 78 20.50 10.73 -10.20
CA SER D 78 19.98 12.07 -9.99
C SER D 78 18.72 12.33 -10.82
N ASP D 79 18.19 11.31 -11.50
CA ASP D 79 17.09 11.52 -12.41
C ASP D 79 15.83 11.97 -11.66
N LYS D 80 15.07 12.84 -12.29
CA LYS D 80 13.78 13.28 -11.78
C LYS D 80 12.78 13.15 -12.90
N GLY D 81 11.59 12.63 -12.57
CA GLY D 81 10.53 12.49 -13.55
C GLY D 81 10.85 11.55 -14.69
N GLY D 82 11.86 10.70 -14.55
CA GLY D 82 12.23 9.77 -15.60
C GLY D 82 12.82 10.43 -16.83
N SER D 83 13.36 11.64 -16.70
CA SER D 83 13.81 12.40 -17.86
C SER D 83 15.00 11.73 -18.54
N PHE D 84 16.06 11.48 -17.78
CA PHE D 84 17.24 10.84 -18.34
C PHE D 84 16.94 9.40 -18.74
N GLU D 85 16.16 8.68 -17.92
CA GLU D 85 15.77 7.31 -18.26
C GLU D 85 15.09 7.25 -19.61
N ALA D 86 14.17 8.19 -19.86
CA ALA D 86 13.52 8.24 -21.17
C ALA D 86 14.51 8.52 -22.29
N ALA D 87 15.46 9.42 -22.06
CA ALA D 87 16.43 9.74 -23.11
C ALA D 87 17.34 8.55 -23.39
N LEU D 88 17.71 7.80 -22.35
CA LEU D 88 18.52 6.60 -22.52
C LEU D 88 17.78 5.57 -23.36
N TRP D 89 16.49 5.34 -23.06
CA TRP D 89 15.71 4.40 -23.85
C TRP D 89 15.70 4.83 -25.32
N GLN D 90 15.56 6.13 -25.57
CA GLN D 90 15.48 6.62 -26.95
C GLN D 90 16.80 6.54 -27.68
N GLN D 91 17.89 6.91 -27.01
CA GLN D 91 19.13 7.13 -27.74
C GLN D 91 20.00 5.90 -27.85
N TRP D 92 19.87 4.94 -26.94
CA TRP D 92 20.70 3.74 -26.92
C TRP D 92 20.06 2.65 -27.76
N ASP D 93 20.90 1.88 -28.46
CA ASP D 93 20.43 0.71 -29.16
C ASP D 93 20.00 -0.36 -28.15
N ARG D 94 19.12 -1.25 -28.62
CA ARG D 94 18.57 -2.27 -27.74
C ARG D 94 19.66 -3.18 -27.17
N GLN D 95 20.67 -3.51 -27.98
CA GLN D 95 21.72 -4.41 -27.52
C GLN D 95 22.51 -3.79 -26.38
N SER D 96 22.84 -2.51 -26.51
CA SER D 96 23.55 -1.81 -25.44
C SER D 96 22.73 -1.82 -24.17
N LEU D 97 21.41 -1.60 -24.28
CA LEU D 97 20.58 -1.54 -23.08
C LEU D 97 20.49 -2.92 -22.41
N ILE D 98 20.29 -3.97 -23.21
CA ILE D 98 20.25 -5.32 -22.64
C ILE D 98 21.56 -5.62 -21.90
N MET D 99 22.70 -5.27 -22.50
CA MET D 99 23.97 -5.56 -21.85
C MET D 99 24.09 -4.82 -20.53
N PHE D 100 23.72 -3.54 -20.53
CA PHE D 100 23.86 -2.73 -19.32
C PHE D 100 22.94 -3.23 -18.21
N ILE D 101 21.69 -3.54 -18.57
CA ILE D 101 20.72 -3.99 -17.58
C ILE D 101 21.16 -5.31 -16.96
N THR D 102 21.64 -6.26 -17.78
CA THR D 102 22.04 -7.56 -17.24
C THR D 102 23.23 -7.39 -16.29
N ALA D 103 24.21 -6.60 -16.70
CA ALA D 103 25.37 -6.36 -15.83
C ALA D 103 24.92 -5.76 -14.49
N PHE D 104 24.11 -4.71 -14.55
CA PHE D 104 23.70 -4.04 -13.33
C PHE D 104 22.95 -4.99 -12.42
N LEU D 105 21.96 -5.71 -12.95
CA LEU D 105 21.16 -6.57 -12.07
C LEU D 105 22.01 -7.66 -11.42
N ASN D 106 23.13 -8.05 -12.03
CA ASN D 106 23.96 -9.10 -11.50
C ASN D 106 25.06 -8.63 -10.58
N ILE D 107 25.20 -7.31 -10.36
CA ILE D 107 26.12 -6.81 -9.36
C ILE D 107 25.39 -6.07 -8.25
N ALA D 108 24.20 -5.53 -8.56
CA ALA D 108 23.54 -4.60 -7.63
C ALA D 108 23.18 -5.24 -6.29
N LEU D 109 22.91 -6.52 -6.27
CA LEU D 109 22.55 -7.18 -5.02
C LEU D 109 23.76 -7.62 -4.19
N GLN D 110 24.94 -7.53 -4.78
CA GLN D 110 26.17 -8.01 -4.17
C GLN D 110 27.07 -6.91 -3.64
N LEU D 111 26.80 -5.62 -3.96
CA LEU D 111 27.65 -4.52 -3.57
C LEU D 111 27.07 -3.82 -2.36
N PRO D 112 27.92 -3.26 -1.50
CA PRO D 112 27.39 -2.45 -0.38
C PRO D 112 26.65 -1.22 -0.91
N CYS D 113 25.55 -0.88 -0.23
CA CYS D 113 24.70 0.23 -0.63
C CYS D 113 25.03 1.50 0.14
N GLU D 114 25.98 1.43 1.09
CA GLU D 114 26.49 2.58 1.82
C GLU D 114 28.01 2.47 1.92
N SER D 115 28.68 3.60 2.09
CA SER D 115 30.13 3.61 2.23
C SER D 115 30.66 4.39 3.41
N SER D 116 29.96 5.45 3.79
CA SER D 116 30.42 6.35 4.85
C SER D 116 30.95 5.58 6.04
N ALA D 117 32.18 5.91 6.45
CA ALA D 117 32.84 5.16 7.51
C ALA D 117 31.99 5.05 8.77
N VAL D 118 31.44 6.18 9.25
CA VAL D 118 30.70 6.14 10.51
C VAL D 118 29.40 5.38 10.34
N VAL D 119 28.83 5.41 9.13
CA VAL D 119 27.59 4.71 8.85
C VAL D 119 27.85 3.21 8.78
N VAL D 120 28.82 2.79 7.97
CA VAL D 120 29.11 1.36 7.84
C VAL D 120 29.55 0.78 9.18
N SER D 121 30.34 1.53 9.93
CA SER D 121 30.78 1.04 11.24
CA SER D 121 30.78 1.04 11.24
C SER D 121 29.58 0.77 12.15
N GLY D 122 28.65 1.71 12.22
CA GLY D 122 27.50 1.51 13.09
C GLY D 122 26.66 0.34 12.62
N LEU D 123 26.31 0.33 11.34
CA LEU D 123 25.52 -0.77 10.78
C LEU D 123 26.18 -2.11 11.05
N ARG D 124 27.50 -2.19 10.85
CA ARG D 124 28.21 -3.46 11.04
C ARG D 124 28.03 -4.01 12.45
N THR D 125 28.02 -3.13 13.48
CA THR D 125 27.82 -3.58 14.85
C THR D 125 26.43 -4.18 15.08
N LEU D 126 25.45 -3.88 14.22
CA LEU D 126 24.11 -4.42 14.32
C LEU D 126 23.85 -5.68 13.49
N VAL D 127 24.75 -6.06 12.60
CA VAL D 127 24.40 -7.14 11.65
C VAL D 127 24.27 -8.45 12.42
N PRO D 128 23.16 -9.20 12.25
CA PRO D 128 22.93 -10.43 13.01
C PRO D 128 23.75 -11.61 12.48
#